data_2HQL
#
_entry.id   2HQL
#
_cell.length_a   103.134
_cell.length_b   103.134
_cell.length_c   63.860
_cell.angle_alpha   90.00
_cell.angle_beta   90.00
_cell.angle_gamma   120.00
#
_symmetry.space_group_name_H-M   'P 31'
#
loop_
_entity.id
_entity.type
_entity.pdbx_description
1 polymer 'Hypothetical protein MG376 homolog'
2 water water
#
_entity_poly.entity_id   1
_entity_poly.type   'polypeptide(L)'
_entity_poly.pdbx_seq_one_letter_code
;GGGGGGMLNRVFLEGEIESSCWSVKKTGFLVTIKQMRFFGERLFTDYYVIYANGQLAYELEKHTKKYKTISIEGILRTYL
ERKSEIWKTTIEIVKIFNPKNEIVIDYKEI
;
_entity_poly.pdbx_strand_id   A,B,C,D,E,F
#
# COMPACT_ATOMS: atom_id res chain seq x y z
N MET A 7 -8.99 0.49 24.50
CA MET A 7 -8.98 0.30 23.06
C MET A 7 -8.38 1.48 22.30
N LEU A 8 -7.56 1.60 21.38
CA LEU A 8 -7.05 2.88 20.79
C LEU A 8 -8.22 3.87 20.77
N ASN A 9 -8.13 4.89 21.62
CA ASN A 9 -9.19 5.90 21.72
C ASN A 9 -8.67 7.21 22.30
N ARG A 10 -8.19 8.09 21.43
CA ARG A 10 -7.69 9.39 21.85
C ARG A 10 -8.17 10.48 20.87
N VAL A 11 -8.59 11.62 21.42
CA VAL A 11 -9.10 12.74 20.63
C VAL A 11 -8.47 14.05 21.10
N PHE A 12 -8.11 14.91 20.16
CA PHE A 12 -7.55 16.22 20.46
C PHE A 12 -8.42 17.20 19.69
N LEU A 13 -9.01 18.16 20.38
CA LEU A 13 -9.91 19.08 19.72
C LEU A 13 -9.95 20.43 20.38
N GLU A 14 -10.33 21.45 19.61
CA GLU A 14 -10.44 22.81 20.10
C GLU A 14 -11.62 23.54 19.46
N GLY A 15 -12.28 24.39 20.23
CA GLY A 15 -13.40 25.13 19.69
C GLY A 15 -13.82 26.23 20.64
N GLU A 16 -14.88 26.94 20.27
CA GLU A 16 -15.39 28.03 21.09
C GLU A 16 -16.54 27.53 21.97
N ILE A 17 -16.43 27.76 23.27
CA ILE A 17 -17.46 27.36 24.22
C ILE A 17 -18.78 28.05 23.85
N GLU A 18 -19.82 27.25 23.64
CA GLU A 18 -21.12 27.79 23.24
C GLU A 18 -22.16 27.83 24.36
N SER A 19 -22.08 26.84 25.27
CA SER A 19 -22.99 26.72 26.39
C SER A 19 -22.49 25.57 27.22
N SER A 20 -23.05 25.40 28.42
CA SER A 20 -22.62 24.31 29.30
C SER A 20 -23.56 24.17 30.48
N CYS A 21 -23.52 23.00 31.15
CA CYS A 21 -24.38 22.79 32.30
C CYS A 21 -24.01 21.56 33.14
N TRP A 22 -24.46 21.58 34.39
CA TRP A 22 -24.21 20.52 35.34
C TRP A 22 -25.32 19.48 35.33
N SER A 23 -24.94 18.21 35.47
CA SER A 23 -25.90 17.11 35.53
C SER A 23 -26.59 17.30 36.87
N VAL A 24 -27.57 16.46 37.18
CA VAL A 24 -28.32 16.61 38.42
C VAL A 24 -27.52 16.61 39.72
N LYS A 25 -26.85 15.52 40.06
CA LYS A 25 -26.07 15.49 41.30
C LYS A 25 -24.66 16.05 41.06
N LYS A 26 -24.52 16.81 39.98
CA LYS A 26 -23.26 17.41 39.55
C LYS A 26 -22.14 16.42 39.35
N THR A 27 -22.52 15.18 39.02
CA THR A 27 -21.59 14.10 38.75
C THR A 27 -20.59 14.54 37.65
N GLY A 28 -21.06 15.39 36.75
CA GLY A 28 -20.24 15.89 35.66
C GLY A 28 -20.67 17.26 35.16
N PHE A 29 -19.79 17.89 34.38
CA PHE A 29 -20.07 19.19 33.82
C PHE A 29 -19.98 19.09 32.31
N LEU A 30 -21.04 19.49 31.61
CA LEU A 30 -21.07 19.40 30.18
C LEU A 30 -20.96 20.73 29.47
N VAL A 31 -20.05 20.75 28.50
CA VAL A 31 -19.80 21.93 27.70
C VAL A 31 -20.04 21.61 26.21
N THR A 32 -20.55 22.58 25.47
CA THR A 32 -20.80 22.41 24.06
C THR A 32 -19.93 23.40 23.30
N ILE A 33 -19.10 22.83 22.43
CA ILE A 33 -18.11 23.55 21.63
C ILE A 33 -18.46 23.66 20.15
N LYS A 34 -18.01 24.74 19.53
CA LYS A 34 -18.21 25.00 18.11
C LYS A 34 -16.85 25.06 17.43
N GLN A 35 -16.73 24.41 16.28
CA GLN A 35 -15.48 24.43 15.52
C GLN A 35 -15.89 24.84 14.13
N MET A 36 -15.19 25.79 13.52
CA MET A 36 -15.53 26.23 12.17
C MET A 36 -15.30 25.16 11.10
N ARG A 37 -16.22 25.12 10.14
CA ARG A 37 -16.21 24.15 9.06
C ARG A 37 -16.50 24.87 7.74
N PHE A 38 -16.02 24.31 6.65
CA PHE A 38 -16.26 24.86 5.32
C PHE A 38 -17.10 23.85 4.56
N PHE A 39 -17.74 24.31 3.50
CA PHE A 39 -18.51 23.47 2.60
C PHE A 39 -18.44 24.23 1.30
N GLY A 40 -17.41 23.95 0.51
CA GLY A 40 -17.21 24.71 -0.71
C GLY A 40 -16.68 26.06 -0.27
N GLU A 41 -17.42 27.11 -0.57
CA GLU A 41 -16.99 28.46 -0.20
C GLU A 41 -17.75 28.98 1.02
N ARG A 42 -18.70 28.20 1.51
CA ARG A 42 -19.49 28.60 2.66
C ARG A 42 -18.80 28.28 3.97
N LEU A 43 -18.77 29.24 4.88
CA LEU A 43 -18.15 29.06 6.18
C LEU A 43 -19.32 28.71 7.10
N PHE A 44 -19.21 27.54 7.72
CA PHE A 44 -20.26 27.03 8.57
C PHE A 44 -19.74 26.67 9.97
N THR A 45 -20.37 25.71 10.65
CA THR A 45 -19.97 25.35 11.98
C THR A 45 -20.23 23.89 12.36
N ASP A 46 -19.39 23.35 13.24
CA ASP A 46 -19.55 21.99 13.75
C ASP A 46 -19.68 22.14 15.27
N TYR A 47 -20.63 21.42 15.85
CA TYR A 47 -20.84 21.47 17.29
C TYR A 47 -20.55 20.13 17.90
N TYR A 48 -19.84 20.17 19.03
CA TYR A 48 -19.44 18.98 19.76
C TYR A 48 -19.81 19.15 21.22
N VAL A 49 -20.05 18.03 21.89
CA VAL A 49 -20.39 18.06 23.29
C VAL A 49 -19.27 17.35 24.02
N ILE A 50 -18.69 18.03 25.00
CA ILE A 50 -17.61 17.48 25.78
C ILE A 50 -18.03 17.54 27.24
N TYR A 51 -17.38 16.73 28.08
CA TYR A 51 -17.70 16.73 29.51
C TYR A 51 -16.50 16.36 30.34
N ALA A 52 -16.65 16.46 31.66
CA ALA A 52 -15.59 16.12 32.61
C ALA A 52 -16.19 15.76 33.96
N ASN A 53 -15.44 14.97 34.72
CA ASN A 53 -15.87 14.54 36.05
C ASN A 53 -14.86 14.96 37.13
N GLY A 54 -15.27 14.84 38.39
CA GLY A 54 -14.42 15.16 39.52
C GLY A 54 -13.79 16.53 39.55
N GLN A 55 -12.50 16.58 39.88
CA GLN A 55 -11.79 17.84 39.93
C GLN A 55 -11.88 18.58 38.60
N LEU A 56 -11.58 17.85 37.53
CA LEU A 56 -11.59 18.39 36.17
C LEU A 56 -12.91 18.99 35.71
N ALA A 57 -14.02 18.65 36.37
CA ALA A 57 -15.33 19.19 36.01
C ALA A 57 -15.34 20.65 36.49
N TYR A 58 -14.73 20.85 37.65
CA TYR A 58 -14.64 22.17 38.25
C TYR A 58 -13.60 23.05 37.58
N GLU A 59 -12.60 22.42 36.96
CA GLU A 59 -11.58 23.14 36.21
C GLU A 59 -12.27 23.62 34.93
N LEU A 60 -13.07 22.74 34.35
CA LEU A 60 -13.80 23.02 33.13
C LEU A 60 -14.73 24.23 33.30
N GLU A 61 -15.53 24.19 34.37
CA GLU A 61 -16.46 25.28 34.66
C GLU A 61 -15.72 26.60 34.87
N LYS A 62 -14.53 26.53 35.46
CA LYS A 62 -13.72 27.72 35.69
C LYS A 62 -13.11 28.21 34.37
N HIS A 63 -12.48 27.30 33.62
CA HIS A 63 -11.90 27.65 32.33
C HIS A 63 -13.02 28.20 31.49
N THR A 64 -14.25 27.78 31.80
CA THR A 64 -15.42 28.24 31.08
C THR A 64 -15.77 29.70 31.46
N LYS A 65 -15.63 30.05 32.72
CA LYS A 65 -15.95 31.41 33.13
C LYS A 65 -14.75 32.33 32.99
N LYS A 66 -13.78 31.92 32.19
CA LYS A 66 -12.56 32.70 31.98
C LYS A 66 -12.11 32.83 30.52
N TYR A 67 -12.34 31.78 29.73
CA TYR A 67 -11.95 31.77 28.31
C TYR A 67 -13.12 31.48 27.41
N LYS A 68 -12.99 31.84 26.13
CA LYS A 68 -14.05 31.60 25.15
C LYS A 68 -13.78 30.30 24.40
N THR A 69 -12.52 30.06 24.06
CA THR A 69 -12.14 28.84 23.35
C THR A 69 -11.51 27.89 24.36
N ILE A 70 -11.35 26.63 23.96
CA ILE A 70 -10.75 25.63 24.82
C ILE A 70 -10.24 24.51 23.94
N SER A 71 -9.08 23.95 24.31
CA SER A 71 -8.47 22.84 23.57
C SER A 71 -8.33 21.73 24.58
N ILE A 72 -8.55 20.49 24.16
CA ILE A 72 -8.43 19.36 25.09
C ILE A 72 -7.86 18.11 24.46
N GLU A 73 -7.72 17.09 25.31
CA GLU A 73 -7.30 15.76 24.93
C GLU A 73 -8.42 14.93 25.55
N GLY A 74 -9.03 14.04 24.81
CA GLY A 74 -10.11 13.27 25.40
C GLY A 74 -10.34 11.93 24.78
N ILE A 75 -11.41 11.28 25.21
CA ILE A 75 -11.78 9.95 24.72
C ILE A 75 -13.17 10.00 24.09
N LEU A 76 -13.25 9.56 22.84
CA LEU A 76 -14.54 9.57 22.15
C LEU A 76 -15.50 8.49 22.66
N ARG A 77 -16.64 8.94 23.18
CA ARG A 77 -17.70 8.08 23.73
C ARG A 77 -19.00 8.32 22.96
N THR A 78 -20.01 7.51 23.25
CA THR A 78 -21.31 7.65 22.63
C THR A 78 -22.38 7.13 23.58
N TYR A 79 -23.63 7.51 23.32
CA TYR A 79 -24.78 7.02 24.09
C TYR A 79 -25.89 6.86 23.06
N LEU A 80 -26.90 6.08 23.39
CA LEU A 80 -28.00 5.87 22.45
C LEU A 80 -29.16 6.85 22.51
N GLU A 81 -29.56 7.30 21.34
CA GLU A 81 -30.70 8.18 21.18
C GLU A 81 -31.79 7.14 20.84
N ARG A 82 -32.40 6.57 21.87
CA ARG A 82 -33.41 5.52 21.70
C ARG A 82 -34.49 5.77 20.66
N LYS A 83 -34.72 7.04 20.32
CA LYS A 83 -35.73 7.35 19.31
C LYS A 83 -35.13 7.08 17.94
N SER A 84 -34.50 8.10 17.37
CA SER A 84 -33.85 7.99 16.07
C SER A 84 -32.90 6.81 16.04
N GLU A 85 -32.71 6.14 17.17
CA GLU A 85 -31.81 5.00 17.26
C GLU A 85 -30.40 5.39 16.79
N ILE A 86 -30.08 6.68 16.92
CA ILE A 86 -28.76 7.16 16.54
C ILE A 86 -27.89 7.17 17.80
N TRP A 87 -26.65 6.71 17.66
CA TRP A 87 -25.71 6.71 18.77
C TRP A 87 -25.00 8.05 18.72
N LYS A 88 -25.34 8.93 19.66
CA LYS A 88 -24.78 10.26 19.72
C LYS A 88 -23.35 10.21 20.25
N THR A 89 -22.53 11.18 19.85
CA THR A 89 -21.13 11.25 20.29
C THR A 89 -20.80 12.36 21.30
N THR A 90 -19.98 12.02 22.29
CA THR A 90 -19.53 12.96 23.33
C THR A 90 -18.06 12.69 23.60
N ILE A 91 -17.33 13.71 24.02
CA ILE A 91 -15.92 13.52 24.32
C ILE A 91 -15.65 13.65 25.81
N GLU A 92 -15.14 12.56 26.39
CA GLU A 92 -14.78 12.51 27.81
C GLU A 92 -13.43 13.19 27.94
N ILE A 93 -13.44 14.36 28.55
CA ILE A 93 -12.21 15.13 28.71
C ILE A 93 -11.21 14.45 29.64
N VAL A 94 -9.97 14.33 29.17
CA VAL A 94 -8.89 13.73 29.94
C VAL A 94 -7.94 14.84 30.34
N LYS A 95 -7.77 15.81 29.45
CA LYS A 95 -6.87 16.91 29.72
C LYS A 95 -7.25 18.24 29.05
N ILE A 96 -7.11 19.32 29.81
CA ILE A 96 -7.40 20.66 29.31
C ILE A 96 -6.06 21.35 29.12
N PHE A 97 -5.92 22.04 27.99
CA PHE A 97 -4.67 22.74 27.71
C PHE A 97 -4.76 24.24 27.98
N ASN A 98 -3.59 24.86 28.11
CA ASN A 98 -3.50 26.30 28.33
C ASN A 98 -3.82 26.98 27.01
N PRO A 99 -4.86 27.82 26.98
CA PRO A 99 -5.25 28.53 25.76
C PRO A 99 -4.14 29.37 25.14
N LYS A 100 -2.95 29.31 25.74
CA LYS A 100 -1.82 30.08 25.25
C LYS A 100 -0.80 29.13 24.64
N ASN A 101 -1.08 27.84 24.71
CA ASN A 101 -0.16 26.84 24.18
C ASN A 101 -0.55 26.20 22.85
N GLU A 102 0.41 26.09 21.96
CA GLU A 102 0.26 25.44 20.69
C GLU A 102 0.46 23.95 20.92
N ILE A 103 -0.58 23.16 20.66
CA ILE A 103 -0.45 21.72 20.84
C ILE A 103 0.34 21.19 19.66
N VAL A 104 0.36 19.87 19.47
CA VAL A 104 1.17 19.30 18.41
C VAL A 104 1.22 17.80 18.60
N ILE A 105 0.51 17.10 17.74
CA ILE A 105 0.38 15.65 17.83
C ILE A 105 1.21 14.85 16.81
N ASP A 106 1.46 13.59 17.17
CA ASP A 106 2.17 12.62 16.34
C ASP A 106 2.12 11.24 16.98
N TYR A 107 2.50 10.23 16.21
CA TYR A 107 2.47 8.86 16.68
C TYR A 107 3.67 8.05 16.19
N LYS A 108 3.77 6.84 16.73
CA LYS A 108 4.80 5.87 16.39
C LYS A 108 4.05 4.71 15.76
N GLU A 109 4.74 3.62 15.48
CA GLU A 109 4.11 2.53 14.77
C GLU A 109 4.71 1.19 15.14
N ILE A 110 4.71 0.86 16.43
CA ILE A 110 5.27 -0.42 16.86
C ILE A 110 4.66 -1.62 16.14
N MET B 7 -19.00 13.27 -34.87
CA MET B 7 -18.94 13.04 -33.41
C MET B 7 -19.41 11.64 -32.99
N LEU B 8 -20.43 11.10 -33.66
CA LEU B 8 -20.95 9.77 -33.35
C LEU B 8 -19.82 8.78 -33.04
N ASN B 9 -19.93 8.09 -31.90
CA ASN B 9 -18.92 7.12 -31.49
C ASN B 9 -19.51 6.23 -30.42
N ARG B 10 -19.82 4.99 -30.79
CA ARG B 10 -20.38 4.02 -29.87
C ARG B 10 -19.76 2.65 -30.15
N VAL B 11 -19.35 1.97 -29.07
CA VAL B 11 -18.75 0.64 -29.17
C VAL B 11 -19.44 -0.38 -28.26
N PHE B 12 -19.66 -1.57 -28.80
CA PHE B 12 -20.26 -2.67 -28.06
C PHE B 12 -19.34 -3.87 -28.26
N LEU B 13 -18.78 -4.37 -27.17
CA LEU B 13 -17.86 -5.50 -27.25
C LEU B 13 -18.01 -6.55 -26.17
N GLU B 14 -17.82 -7.80 -26.56
CA GLU B 14 -17.90 -8.96 -25.70
C GLU B 14 -16.57 -9.69 -25.84
N GLY B 15 -15.83 -9.82 -24.75
CA GLY B 15 -14.56 -10.51 -24.83
C GLY B 15 -14.06 -11.11 -23.53
N GLU B 16 -13.13 -12.05 -23.67
CA GLU B 16 -12.55 -12.72 -22.53
C GLU B 16 -11.38 -11.90 -21.97
N ILE B 17 -11.41 -11.67 -20.66
CA ILE B 17 -10.39 -10.90 -19.95
C ILE B 17 -9.05 -11.65 -19.86
N GLU B 18 -7.98 -11.05 -20.34
CA GLU B 18 -6.68 -11.72 -20.29
C GLU B 18 -5.63 -11.07 -19.39
N SER B 19 -5.74 -9.76 -19.17
CA SER B 19 -4.78 -9.07 -18.34
C SER B 19 -5.35 -7.74 -17.91
N SER B 20 -4.73 -7.16 -16.88
CA SER B 20 -5.18 -5.87 -16.34
C SER B 20 -4.03 -5.08 -15.70
N CYS B 21 -4.33 -3.84 -15.34
CA CYS B 21 -3.36 -2.96 -14.70
C CYS B 21 -3.92 -1.57 -14.49
N TRP B 22 -3.39 -0.86 -13.50
CA TRP B 22 -3.80 0.49 -13.18
C TRP B 22 -2.73 1.46 -13.72
N SER B 23 -3.10 2.73 -13.92
CA SER B 23 -2.13 3.72 -14.37
C SER B 23 -1.23 3.94 -13.15
N VAL B 24 -0.16 4.71 -13.26
CA VAL B 24 0.73 4.90 -12.12
C VAL B 24 0.07 5.48 -10.85
N LYS B 25 -0.87 6.41 -11.02
CA LYS B 25 -1.57 7.03 -9.89
C LYS B 25 -2.97 6.43 -9.69
N LYS B 26 -3.30 5.43 -10.49
CA LYS B 26 -4.59 4.76 -10.44
C LYS B 26 -5.74 5.59 -10.98
N THR B 27 -5.43 6.51 -11.89
CA THR B 27 -6.45 7.35 -12.51
C THR B 27 -7.37 6.52 -13.40
N GLY B 28 -6.85 5.41 -13.90
CA GLY B 28 -7.64 4.55 -14.75
C GLY B 28 -7.19 3.12 -14.64
N PHE B 29 -8.10 2.20 -14.92
CA PHE B 29 -7.81 0.77 -14.87
C PHE B 29 -7.91 0.28 -16.31
N LEU B 30 -6.85 -0.38 -16.77
CA LEU B 30 -6.80 -0.88 -18.13
C LEU B 30 -6.99 -2.39 -18.16
N VAL B 31 -7.68 -2.86 -19.18
CA VAL B 31 -7.96 -4.28 -19.34
C VAL B 31 -7.83 -4.75 -20.79
N THR B 32 -7.09 -5.83 -21.00
CA THR B 32 -6.93 -6.37 -22.34
C THR B 32 -7.93 -7.51 -22.50
N ILE B 33 -8.67 -7.43 -23.60
CA ILE B 33 -9.72 -8.38 -23.93
C ILE B 33 -9.32 -9.23 -25.14
N LYS B 34 -9.84 -10.45 -25.18
CA LYS B 34 -9.58 -11.34 -26.30
C LYS B 34 -10.92 -11.76 -26.90
N GLN B 35 -10.99 -11.80 -28.23
CA GLN B 35 -12.20 -12.20 -28.92
C GLN B 35 -11.76 -13.17 -30.02
N MET B 36 -12.43 -14.32 -30.10
CA MET B 36 -12.09 -15.31 -31.11
C MET B 36 -12.54 -14.78 -32.47
N ARG B 37 -11.81 -15.13 -33.50
CA ARG B 37 -12.13 -14.71 -34.85
C ARG B 37 -11.57 -15.74 -35.79
N PHE B 38 -12.20 -15.93 -36.94
CA PHE B 38 -11.74 -16.93 -37.88
C PHE B 38 -10.96 -16.41 -39.07
N PHE B 39 -9.92 -17.16 -39.43
CA PHE B 39 -9.12 -16.86 -40.60
C PHE B 39 -9.41 -18.12 -41.43
N GLY B 40 -10.54 -18.11 -42.13
CA GLY B 40 -10.94 -19.26 -42.89
C GLY B 40 -11.29 -20.31 -41.84
N GLU B 41 -10.75 -21.50 -42.00
CA GLU B 41 -10.99 -22.58 -41.05
C GLU B 41 -10.15 -22.48 -39.77
N ARG B 42 -9.31 -21.47 -39.65
CA ARG B 42 -8.46 -21.34 -38.45
C ARG B 42 -9.00 -20.41 -37.34
N LEU B 43 -9.15 -20.97 -36.14
CA LEU B 43 -9.66 -20.22 -34.99
C LEU B 43 -8.58 -19.29 -34.41
N PHE B 44 -8.84 -17.99 -34.58
CA PHE B 44 -7.99 -16.87 -34.19
C PHE B 44 -8.34 -16.11 -32.92
N THR B 45 -7.70 -14.95 -32.78
CA THR B 45 -7.90 -14.07 -31.64
C THR B 45 -7.70 -12.61 -32.05
N ASP B 46 -8.42 -11.72 -31.37
CA ASP B 46 -8.28 -10.28 -31.57
C ASP B 46 -8.14 -9.74 -30.16
N TYR B 47 -7.07 -8.98 -29.90
CA TYR B 47 -6.89 -8.43 -28.58
C TYR B 47 -7.21 -6.95 -28.58
N TYR B 48 -8.03 -6.55 -27.61
CA TYR B 48 -8.46 -5.16 -27.46
C TYR B 48 -8.15 -4.60 -26.08
N VAL B 49 -7.97 -3.29 -26.03
CA VAL B 49 -7.68 -2.60 -24.78
C VAL B 49 -8.86 -1.73 -24.40
N ILE B 50 -9.41 -1.98 -23.22
CA ILE B 50 -10.54 -1.19 -22.70
C ILE B 50 -10.05 -0.57 -21.40
N TYR B 51 -10.60 0.60 -21.06
CA TYR B 51 -10.23 1.27 -19.82
C TYR B 51 -11.43 2.01 -19.24
N ALA B 52 -11.28 2.46 -18.00
CA ALA B 52 -12.34 3.19 -17.30
C ALA B 52 -11.70 4.06 -16.24
N ASN B 53 -12.34 5.18 -15.92
CA ASN B 53 -11.87 6.11 -14.90
C ASN B 53 -13.02 6.32 -13.91
N GLY B 54 -12.76 7.11 -12.86
CA GLY B 54 -13.78 7.37 -11.87
C GLY B 54 -14.20 6.09 -11.19
N GLN B 55 -15.47 6.02 -10.79
CA GLN B 55 -15.99 4.84 -10.11
C GLN B 55 -16.00 3.61 -11.00
N LEU B 56 -16.14 3.80 -12.32
CA LEU B 56 -16.14 2.67 -13.24
C LEU B 56 -14.83 1.87 -13.18
N ALA B 57 -13.72 2.56 -12.96
CA ALA B 57 -12.39 1.96 -12.88
C ALA B 57 -12.35 0.87 -11.80
N TYR B 58 -12.90 1.18 -10.64
CA TYR B 58 -12.94 0.26 -9.52
C TYR B 58 -13.98 -0.82 -9.76
N GLU B 59 -15.03 -0.46 -10.50
CA GLU B 59 -16.10 -1.39 -10.88
C GLU B 59 -15.48 -2.38 -11.86
N LEU B 60 -14.64 -1.87 -12.76
CA LEU B 60 -13.97 -2.70 -13.76
C LEU B 60 -13.09 -3.75 -13.09
N GLU B 61 -12.29 -3.34 -12.11
CA GLU B 61 -11.39 -4.25 -11.41
C GLU B 61 -12.13 -5.33 -10.63
N LYS B 62 -13.30 -4.99 -10.09
CA LYS B 62 -14.11 -5.95 -9.36
C LYS B 62 -14.65 -7.01 -10.33
N HIS B 63 -14.91 -6.60 -11.57
CA HIS B 63 -15.42 -7.50 -12.60
C HIS B 63 -14.34 -8.49 -12.97
N THR B 64 -13.11 -8.01 -13.09
CA THR B 64 -11.97 -8.86 -13.47
C THR B 64 -11.64 -9.94 -12.44
N LYS B 65 -12.22 -9.82 -11.25
CA LYS B 65 -11.97 -10.79 -10.21
C LYS B 65 -13.17 -11.72 -10.08
N LYS B 66 -14.34 -11.27 -10.53
CA LYS B 66 -15.55 -12.06 -10.42
C LYS B 66 -16.01 -12.75 -11.70
N TYR B 67 -15.49 -12.32 -12.84
CA TYR B 67 -15.90 -12.91 -14.11
C TYR B 67 -14.74 -13.02 -15.11
N LYS B 68 -14.82 -14.01 -16.00
CA LYS B 68 -13.80 -14.24 -17.03
C LYS B 68 -14.05 -13.51 -18.34
N THR B 69 -15.29 -13.09 -18.56
CA THR B 69 -15.64 -12.38 -19.78
C THR B 69 -16.39 -11.11 -19.42
N ILE B 70 -16.29 -10.10 -20.29
CA ILE B 70 -16.95 -8.83 -20.06
C ILE B 70 -17.61 -8.31 -21.32
N SER B 71 -18.81 -7.72 -21.15
CA SER B 71 -19.60 -7.13 -22.25
C SER B 71 -19.66 -5.65 -21.93
N ILE B 72 -19.23 -4.81 -22.86
CA ILE B 72 -19.25 -3.40 -22.59
C ILE B 72 -19.77 -2.50 -23.67
N GLU B 73 -20.12 -1.28 -23.25
CA GLU B 73 -20.57 -0.22 -24.11
C GLU B 73 -19.49 0.83 -23.86
N GLY B 74 -18.70 1.18 -24.87
CA GLY B 74 -17.67 2.17 -24.64
C GLY B 74 -17.56 3.20 -25.72
N ILE B 75 -16.40 3.88 -25.78
CA ILE B 75 -16.14 4.90 -26.79
C ILE B 75 -14.77 4.59 -27.39
N LEU B 76 -14.67 4.73 -28.70
CA LEU B 76 -13.43 4.44 -29.42
C LEU B 76 -12.42 5.60 -29.39
N ARG B 77 -11.28 5.36 -28.74
CA ARG B 77 -10.25 6.37 -28.63
C ARG B 77 -8.97 5.88 -29.31
N THR B 78 -8.02 6.79 -29.52
CA THR B 78 -6.74 6.43 -30.12
C THR B 78 -5.66 7.29 -29.49
N TYR B 79 -4.41 6.88 -29.70
CA TYR B 79 -3.24 7.63 -29.23
C TYR B 79 -2.11 7.34 -30.18
N LEU B 80 -1.15 8.25 -30.26
CA LEU B 80 -0.02 8.08 -31.16
C LEU B 80 1.16 7.36 -30.55
N GLU B 81 1.54 6.28 -31.22
CA GLU B 81 2.70 5.49 -30.83
C GLU B 81 3.79 6.26 -31.56
N ARG B 82 4.52 7.11 -30.83
CA ARG B 82 5.56 7.95 -31.39
C ARG B 82 6.55 7.22 -32.29
N LYS B 83 7.33 6.34 -31.69
CA LYS B 83 8.34 5.58 -32.40
C LYS B 83 7.92 5.00 -33.74
N SER B 84 6.81 4.26 -33.77
CA SER B 84 6.34 3.66 -35.02
C SER B 84 5.38 4.59 -35.77
N GLU B 85 4.97 5.67 -35.11
CA GLU B 85 4.06 6.65 -35.69
C GLU B 85 2.76 5.99 -36.16
N ILE B 86 2.20 5.12 -35.31
CA ILE B 86 0.93 4.40 -35.55
C ILE B 86 -0.09 4.79 -34.48
N TRP B 87 -1.34 4.99 -34.88
CA TRP B 87 -2.39 5.38 -33.94
C TRP B 87 -3.11 4.22 -33.30
N LYS B 88 -2.63 3.82 -32.12
CA LYS B 88 -3.20 2.69 -31.37
C LYS B 88 -4.63 2.95 -30.92
N THR B 89 -5.41 1.87 -30.83
CA THR B 89 -6.79 1.96 -30.41
C THR B 89 -7.05 1.52 -28.97
N THR B 90 -7.91 2.27 -28.28
CA THR B 90 -8.28 1.96 -26.91
C THR B 90 -9.80 2.10 -26.85
N ILE B 91 -10.40 1.60 -25.78
CA ILE B 91 -11.84 1.69 -25.67
C ILE B 91 -12.23 2.22 -24.28
N GLU B 92 -12.74 3.45 -24.26
CA GLU B 92 -13.19 4.07 -23.02
C GLU B 92 -14.55 3.49 -22.68
N ILE B 93 -14.66 2.88 -21.51
CA ILE B 93 -15.92 2.26 -21.11
C ILE B 93 -16.91 3.28 -20.55
N VAL B 94 -18.17 3.10 -20.90
CA VAL B 94 -19.26 3.96 -20.42
C VAL B 94 -20.15 3.12 -19.51
N LYS B 95 -20.24 1.82 -19.83
CA LYS B 95 -21.06 0.89 -19.08
C LYS B 95 -20.61 -0.58 -19.19
N ILE B 96 -20.74 -1.31 -18.09
CA ILE B 96 -20.40 -2.72 -18.07
C ILE B 96 -21.74 -3.43 -17.90
N PHE B 97 -22.14 -4.14 -18.95
CA PHE B 97 -23.42 -4.86 -18.95
C PHE B 97 -23.42 -6.07 -18.03
N ASN B 98 -24.55 -6.25 -17.36
CA ASN B 98 -24.72 -7.36 -16.44
C ASN B 98 -24.44 -8.65 -17.22
N PRO B 99 -23.50 -9.46 -16.75
CA PRO B 99 -23.21 -10.70 -17.46
C PRO B 99 -24.48 -11.55 -17.60
N LYS B 100 -25.45 -11.27 -16.75
CA LYS B 100 -26.70 -12.00 -16.72
C LYS B 100 -27.52 -11.85 -18.01
N ASN B 101 -27.62 -10.63 -18.53
CA ASN B 101 -28.41 -10.38 -19.74
C ASN B 101 -27.69 -10.44 -21.11
N GLU B 102 -28.52 -10.51 -22.14
CA GLU B 102 -28.09 -10.59 -23.54
C GLU B 102 -28.36 -9.23 -24.23
N ILE B 103 -27.32 -8.60 -24.73
CA ILE B 103 -27.44 -7.28 -25.35
C ILE B 103 -27.93 -7.27 -26.81
N VAL B 104 -28.91 -6.41 -27.08
CA VAL B 104 -29.52 -6.26 -28.40
C VAL B 104 -29.39 -4.80 -28.87
N ILE B 105 -28.57 -4.55 -29.89
CA ILE B 105 -28.35 -3.17 -30.39
C ILE B 105 -29.26 -2.76 -31.55
N ASP B 106 -29.86 -1.58 -31.43
CA ASP B 106 -30.78 -1.05 -32.44
C ASP B 106 -30.35 0.35 -32.88
N TYR B 107 -30.70 0.73 -34.12
CA TYR B 107 -30.35 2.06 -34.63
C TYR B 107 -31.41 2.62 -35.59
N MET C 7 -21.65 -13.03 -31.67
CA MET C 7 -20.80 -12.34 -30.64
C MET C 7 -20.86 -10.81 -30.74
N LEU C 8 -21.02 -10.16 -29.58
CA LEU C 8 -21.09 -8.69 -29.51
C LEU C 8 -19.85 -8.01 -30.10
N ASN C 9 -20.09 -7.11 -31.05
CA ASN C 9 -19.05 -6.32 -31.70
C ASN C 9 -19.70 -5.37 -32.70
N ARG C 10 -20.27 -4.28 -32.18
CA ARG C 10 -20.96 -3.25 -32.96
C ARG C 10 -20.27 -1.91 -32.81
N VAL C 11 -19.86 -1.31 -33.92
CA VAL C 11 -19.20 0.00 -33.93
C VAL C 11 -19.91 1.03 -34.83
N PHE C 12 -20.40 2.11 -34.22
CA PHE C 12 -21.08 3.18 -34.94
C PHE C 12 -20.15 4.37 -34.83
N LEU C 13 -19.61 4.84 -35.95
CA LEU C 13 -18.68 5.95 -35.91
C LEU C 13 -18.75 6.87 -37.13
N GLU C 14 -18.58 8.17 -36.90
CA GLU C 14 -18.58 9.16 -37.97
C GLU C 14 -17.37 10.07 -37.81
N GLY C 15 -16.79 10.49 -38.93
CA GLY C 15 -15.63 11.35 -38.89
C GLY C 15 -15.29 11.95 -40.24
N GLU C 16 -14.51 13.04 -40.20
CA GLU C 16 -14.10 13.71 -41.42
C GLU C 16 -13.03 12.89 -42.12
N ILE C 17 -13.12 12.77 -43.44
CA ILE C 17 -12.14 12.01 -44.17
C ILE C 17 -10.79 12.69 -44.14
N GLU C 18 -9.74 11.89 -43.96
CA GLU C 18 -8.37 12.37 -43.88
C GLU C 18 -7.60 11.92 -45.13
N SER C 19 -7.65 10.63 -45.41
CA SER C 19 -6.97 10.06 -46.57
C SER C 19 -7.59 8.70 -46.91
N SER C 20 -7.00 8.01 -47.90
CA SER C 20 -7.51 6.70 -48.31
C SER C 20 -6.60 6.03 -49.33
N CYS C 21 -6.73 4.71 -49.46
CA CYS C 21 -5.91 3.95 -50.38
C CYS C 21 -6.42 2.54 -50.48
N TRP C 22 -6.01 1.85 -51.53
CA TRP C 22 -6.40 0.45 -51.72
C TRP C 22 -5.28 -0.41 -51.14
N SER C 23 -5.63 -1.60 -50.65
CA SER C 23 -4.64 -2.51 -50.09
C SER C 23 -3.63 -2.90 -51.17
N VAL C 24 -2.57 -3.60 -50.79
CA VAL C 24 -1.56 -3.99 -51.77
C VAL C 24 -2.19 -4.85 -52.84
N LYS C 25 -3.19 -5.62 -52.45
CA LYS C 25 -3.88 -6.51 -53.37
C LYS C 25 -5.24 -5.99 -53.82
N LYS C 26 -5.46 -4.67 -53.70
CA LYS C 26 -6.74 -4.06 -54.07
C LYS C 26 -7.91 -4.87 -53.51
N THR C 27 -7.63 -5.58 -52.43
CA THR C 27 -8.61 -6.41 -51.74
C THR C 27 -9.65 -5.52 -51.05
N GLY C 28 -9.18 -4.37 -50.56
CA GLY C 28 -10.08 -3.45 -49.89
C GLY C 28 -9.64 -1.99 -50.02
N PHE C 29 -10.59 -1.10 -49.77
CA PHE C 29 -10.32 0.32 -49.81
C PHE C 29 -10.28 0.85 -48.39
N LEU C 30 -9.13 1.36 -47.96
CA LEU C 30 -8.98 1.89 -46.61
C LEU C 30 -9.10 3.39 -46.52
N VAL C 31 -9.91 3.84 -45.57
CA VAL C 31 -10.12 5.26 -45.37
C VAL C 31 -9.76 5.63 -43.94
N THR C 32 -8.97 6.69 -43.77
CA THR C 32 -8.59 7.15 -42.45
C THR C 32 -9.55 8.27 -42.07
N ILE C 33 -10.32 8.04 -41.01
CA ILE C 33 -11.31 8.97 -40.51
C ILE C 33 -10.78 9.67 -39.26
N LYS C 34 -11.31 10.85 -38.93
CA LYS C 34 -10.83 11.52 -37.74
C LYS C 34 -11.91 12.28 -37.01
N GLN C 35 -11.69 12.45 -35.72
CA GLN C 35 -12.61 13.16 -34.85
C GLN C 35 -11.75 14.10 -34.03
N MET C 36 -12.22 15.34 -33.88
CA MET C 36 -11.50 16.37 -33.14
C MET C 36 -12.39 16.79 -31.99
N ARG C 37 -11.80 16.84 -30.80
CA ARG C 37 -12.56 17.17 -29.61
C ARG C 37 -11.74 17.90 -28.56
N PHE C 38 -12.44 18.58 -27.68
CA PHE C 38 -11.85 19.34 -26.59
C PHE C 38 -11.95 18.54 -25.29
N PHE C 39 -10.84 18.44 -24.58
CA PHE C 39 -10.77 17.76 -23.30
C PHE C 39 -10.00 18.68 -22.37
N GLY C 40 -10.75 19.60 -21.76
CA GLY C 40 -10.19 20.58 -20.86
C GLY C 40 -9.27 21.51 -21.64
N GLU C 41 -7.96 21.38 -21.41
CA GLU C 41 -6.95 22.17 -22.13
C GLU C 41 -6.64 21.28 -23.31
N ARG C 42 -7.77 21.04 -23.94
CA ARG C 42 -8.08 20.22 -25.09
C ARG C 42 -7.32 20.02 -26.39
N LEU C 43 -8.19 19.74 -27.36
CA LEU C 43 -8.00 19.45 -28.77
C LEU C 43 -7.23 18.16 -28.86
N PHE C 44 -7.99 17.09 -29.03
CA PHE C 44 -7.46 15.75 -29.18
C PHE C 44 -8.08 15.26 -30.47
N THR C 45 -7.24 14.94 -31.45
CA THR C 45 -7.73 14.40 -32.70
C THR C 45 -7.42 12.90 -32.75
N ASP C 46 -8.44 12.10 -32.98
CA ASP C 46 -8.33 10.64 -33.07
C ASP C 46 -8.34 10.24 -34.54
N TYR C 47 -7.54 9.24 -34.90
CA TYR C 47 -7.47 8.75 -36.29
C TYR C 47 -7.91 7.29 -36.34
N TYR C 48 -8.97 7.04 -37.10
CA TYR C 48 -9.53 5.70 -37.22
C TYR C 48 -9.42 5.19 -38.65
N VAL C 49 -8.97 3.95 -38.83
CA VAL C 49 -8.91 3.38 -40.17
C VAL C 49 -10.05 2.40 -40.36
N ILE C 50 -10.90 2.72 -41.33
CA ILE C 50 -12.05 1.91 -41.69
C ILE C 50 -11.76 1.32 -43.07
N TYR C 51 -12.44 0.24 -43.41
CA TYR C 51 -12.22 -0.39 -44.71
C TYR C 51 -13.42 -1.23 -45.10
N ALA C 52 -13.50 -1.53 -46.38
CA ALA C 52 -14.56 -2.34 -46.93
C ALA C 52 -13.95 -3.21 -48.03
N ASN C 53 -14.34 -4.48 -48.09
CA ASN C 53 -13.84 -5.39 -49.12
C ASN C 53 -14.95 -5.61 -50.13
N GLY C 54 -14.63 -6.36 -51.17
CA GLY C 54 -15.59 -6.69 -52.19
C GLY C 54 -16.25 -5.52 -52.90
N GLN C 55 -17.57 -5.58 -52.95
CA GLN C 55 -18.39 -4.60 -53.62
C GLN C 55 -18.55 -3.31 -52.83
N LEU C 56 -18.57 -3.43 -51.51
CA LEU C 56 -18.71 -2.26 -50.63
C LEU C 56 -17.45 -1.39 -50.72
N ALA C 57 -16.34 -1.98 -51.12
CA ALA C 57 -15.08 -1.25 -51.25
C ALA C 57 -15.21 -0.09 -52.23
N TYR C 58 -15.83 -0.37 -53.38
CA TYR C 58 -16.03 0.64 -54.41
C TYR C 58 -17.12 1.62 -54.02
N GLU C 59 -18.04 1.19 -53.16
CA GLU C 59 -19.10 2.07 -52.67
C GLU C 59 -18.38 3.05 -51.71
N LEU C 60 -17.48 2.50 -50.90
CA LEU C 60 -16.69 3.28 -49.96
C LEU C 60 -15.90 4.33 -50.73
N GLU C 61 -15.16 3.89 -51.75
CA GLU C 61 -14.37 4.80 -52.57
C GLU C 61 -15.23 5.94 -53.13
N LYS C 62 -16.41 5.61 -53.64
CA LYS C 62 -17.30 6.62 -54.18
C LYS C 62 -17.72 7.64 -53.14
N HIS C 63 -18.25 7.15 -52.03
CA HIS C 63 -18.72 8.03 -50.95
C HIS C 63 -17.65 9.05 -50.63
N THR C 64 -16.42 8.58 -50.55
CA THR C 64 -15.26 9.40 -50.22
C THR C 64 -15.03 10.52 -51.24
N LYS C 65 -15.75 10.47 -52.37
CA LYS C 65 -15.61 11.50 -53.38
C LYS C 65 -16.79 12.47 -53.45
N LYS C 66 -17.79 12.26 -52.59
CA LYS C 66 -18.95 13.15 -52.57
C LYS C 66 -19.17 13.73 -51.17
N TYR C 67 -18.37 13.29 -50.21
CA TYR C 67 -18.49 13.79 -48.83
C TYR C 67 -17.14 13.95 -48.11
N LYS C 68 -17.10 14.87 -47.16
CA LYS C 68 -15.87 15.11 -46.39
C LYS C 68 -16.08 14.56 -44.99
N THR C 69 -17.18 13.83 -44.83
CA THR C 69 -17.55 13.20 -43.57
C THR C 69 -18.32 11.91 -43.87
N ILE C 70 -18.12 10.89 -43.04
CA ILE C 70 -18.80 9.61 -43.22
C ILE C 70 -19.24 9.03 -41.87
N SER C 71 -20.35 8.30 -41.88
CA SER C 71 -20.88 7.67 -40.68
C SER C 71 -21.08 6.22 -41.04
N ILE C 72 -20.62 5.32 -40.20
CA ILE C 72 -20.74 3.91 -40.55
C ILE C 72 -21.09 2.99 -39.41
N GLU C 73 -21.45 1.76 -39.79
CA GLU C 73 -21.73 0.70 -38.85
C GLU C 73 -20.65 -0.29 -39.24
N GLY C 74 -19.71 -0.54 -38.33
CA GLY C 74 -18.64 -1.45 -38.64
C GLY C 74 -18.39 -2.51 -37.61
N ILE C 75 -17.27 -3.18 -37.76
CA ILE C 75 -16.89 -4.26 -36.86
C ILE C 75 -15.41 -4.15 -36.49
N LEU C 76 -15.09 -4.11 -35.20
CA LEU C 76 -13.71 -4.03 -34.78
C LEU C 76 -12.95 -5.25 -35.25
N ARG C 77 -11.71 -5.05 -35.65
CA ARG C 77 -10.83 -6.09 -36.14
C ARG C 77 -9.36 -5.75 -35.87
N THR C 78 -8.52 -6.76 -35.93
CA THR C 78 -7.08 -6.60 -35.79
C THR C 78 -6.47 -7.52 -36.85
N TYR C 79 -5.18 -7.35 -37.13
CA TYR C 79 -4.51 -8.21 -38.11
C TYR C 79 -2.99 -8.00 -38.06
N ILE C 86 2.88 -3.64 -35.67
CA ILE C 86 2.71 -5.09 -35.72
C ILE C 86 1.26 -5.46 -36.00
N TRP C 87 0.43 -5.48 -34.95
CA TRP C 87 -0.98 -5.74 -35.11
C TRP C 87 -1.62 -4.38 -35.14
N LYS C 88 -2.62 -4.22 -35.98
CA LYS C 88 -3.31 -2.95 -36.06
C LYS C 88 -4.77 -3.22 -35.96
N THR C 89 -5.51 -2.22 -35.48
CA THR C 89 -6.96 -2.33 -35.33
C THR C 89 -7.61 -1.48 -36.41
N THR C 90 -8.53 -2.07 -37.15
CA THR C 90 -9.25 -1.36 -38.20
C THR C 90 -10.73 -1.68 -38.05
N ILE C 91 -11.59 -0.86 -38.63
CA ILE C 91 -13.02 -1.07 -38.54
C ILE C 91 -13.65 -1.51 -39.85
N GLU C 92 -13.95 -2.80 -39.95
CA GLU C 92 -14.57 -3.35 -41.15
C GLU C 92 -15.94 -2.72 -41.32
N ILE C 93 -16.15 -2.03 -42.44
CA ILE C 93 -17.42 -1.35 -42.71
C ILE C 93 -18.49 -2.32 -43.15
N VAL C 94 -19.60 -2.34 -42.43
CA VAL C 94 -20.72 -3.21 -42.75
C VAL C 94 -21.85 -2.41 -43.39
N LYS C 95 -21.84 -1.10 -43.16
CA LYS C 95 -22.85 -0.20 -43.69
C LYS C 95 -22.39 1.25 -43.65
N ILE C 96 -22.56 1.93 -44.77
CA ILE C 96 -22.20 3.35 -44.85
C ILE C 96 -23.50 4.14 -44.70
N PHE C 97 -23.66 4.85 -43.59
CA PHE C 97 -24.87 5.61 -43.37
C PHE C 97 -24.99 6.77 -44.33
N ASN C 98 -26.25 7.12 -44.64
CA ASN C 98 -26.57 8.22 -45.54
C ASN C 98 -26.41 9.51 -44.75
N PRO C 99 -25.45 10.36 -45.13
CA PRO C 99 -25.21 11.63 -44.43
C PRO C 99 -26.48 12.46 -44.23
N LYS C 100 -27.52 12.10 -44.98
CA LYS C 100 -28.82 12.76 -44.94
C LYS C 100 -29.67 12.29 -43.76
N ASN C 101 -29.03 11.66 -42.78
CA ASN C 101 -29.75 11.11 -41.64
C ASN C 101 -29.14 11.33 -40.27
N GLU C 102 -30.02 11.20 -39.26
CA GLU C 102 -29.68 11.34 -37.85
C GLU C 102 -29.73 9.95 -37.24
N ILE C 103 -28.63 9.21 -37.35
CA ILE C 103 -28.54 7.85 -36.83
C ILE C 103 -28.82 7.75 -35.31
N MET D 7 29.38 -8.74 -0.94
CA MET D 7 28.14 -8.13 -0.40
C MET D 7 27.41 -9.07 0.57
N LEU D 8 27.65 -10.38 0.44
CA LEU D 8 26.98 -11.37 1.30
C LEU D 8 27.19 -11.17 2.81
N ASN D 9 26.09 -10.99 3.52
CA ASN D 9 26.14 -10.79 4.97
C ASN D 9 24.79 -11.07 5.63
N ARG D 10 24.61 -12.28 6.15
CA ARG D 10 23.34 -12.61 6.78
C ARG D 10 23.51 -13.40 8.09
N VAL D 11 23.06 -12.77 9.18
CA VAL D 11 23.16 -13.34 10.52
C VAL D 11 21.83 -13.83 11.07
N PHE D 12 21.84 -15.04 11.61
CA PHE D 12 20.66 -15.67 12.22
C PHE D 12 21.02 -16.04 13.65
N LEU D 13 20.39 -15.41 14.62
CA LEU D 13 20.70 -15.74 16.00
C LEU D 13 19.51 -15.63 16.93
N GLU D 14 19.49 -16.50 17.94
CA GLU D 14 18.44 -16.50 18.96
C GLU D 14 19.23 -16.41 20.25
N GLY D 15 18.61 -15.90 21.32
CA GLY D 15 19.34 -15.79 22.57
C GLY D 15 18.53 -15.29 23.76
N GLU D 16 19.20 -15.22 24.89
CA GLU D 16 18.61 -14.75 26.16
C GLU D 16 18.79 -13.25 26.35
N ILE D 17 17.69 -12.53 26.51
CA ILE D 17 17.78 -11.08 26.70
C ILE D 17 18.38 -10.75 28.08
N GLU D 18 19.55 -10.11 28.06
CA GLU D 18 20.27 -9.73 29.29
C GLU D 18 20.02 -8.27 29.66
N SER D 19 20.22 -7.37 28.69
CA SER D 19 20.00 -5.95 28.92
C SER D 19 19.45 -5.30 27.66
N SER D 20 19.34 -3.97 27.68
CA SER D 20 18.86 -3.22 26.53
C SER D 20 18.85 -1.73 26.87
N CYS D 21 18.85 -0.89 25.84
CA CYS D 21 18.81 0.55 26.05
C CYS D 21 18.68 1.29 24.73
N TRP D 22 18.08 2.47 24.80
CA TRP D 22 17.87 3.32 23.65
C TRP D 22 19.07 4.23 23.49
N SER D 23 19.12 4.94 22.37
CA SER D 23 20.18 5.90 22.13
C SER D 23 19.67 7.19 22.76
N VAL D 24 20.54 8.19 22.89
CA VAL D 24 20.14 9.47 23.47
C VAL D 24 18.94 10.04 22.73
N LYS D 25 19.11 10.39 21.47
CA LYS D 25 17.98 10.91 20.71
C LYS D 25 17.13 9.72 20.27
N LYS D 26 17.23 8.62 21.03
CA LYS D 26 16.53 7.37 20.76
C LYS D 26 16.54 7.06 19.27
N THR D 27 17.73 7.25 18.69
CA THR D 27 18.02 7.02 17.29
C THR D 27 18.05 5.51 16.97
N GLY D 28 18.11 4.72 18.03
CA GLY D 28 18.11 3.26 17.90
C GLY D 28 17.92 2.61 19.25
N PHE D 29 17.67 1.30 19.25
CA PHE D 29 17.48 0.53 20.47
C PHE D 29 18.40 -0.67 20.42
N LEU D 30 19.32 -0.77 21.39
CA LEU D 30 20.27 -1.88 21.42
C LEU D 30 19.91 -2.88 22.50
N VAL D 31 20.30 -4.13 22.28
CA VAL D 31 20.02 -5.18 23.25
C VAL D 31 21.19 -6.16 23.36
N THR D 32 21.52 -6.55 24.59
CA THR D 32 22.61 -7.50 24.84
C THR D 32 21.98 -8.87 25.00
N ILE D 33 22.51 -9.85 24.28
CA ILE D 33 22.00 -11.21 24.28
C ILE D 33 23.04 -12.22 24.82
N LYS D 34 22.55 -13.30 25.42
CA LYS D 34 23.41 -14.37 25.96
C LYS D 34 23.13 -15.73 25.30
N GLN D 35 24.21 -16.44 24.97
CA GLN D 35 24.08 -17.75 24.35
C GLN D 35 25.03 -18.71 25.06
N MET D 36 24.50 -19.85 25.50
CA MET D 36 25.30 -20.86 26.20
C MET D 36 26.38 -21.42 25.29
N ARG D 37 27.58 -21.63 25.82
CA ARG D 37 28.65 -22.21 25.02
C ARG D 37 29.46 -23.17 25.87
N PHE D 38 29.86 -24.30 25.30
CA PHE D 38 30.63 -25.28 26.05
C PHE D 38 32.14 -25.15 25.85
N PHE D 39 32.88 -25.65 26.84
CA PHE D 39 34.34 -25.69 26.87
C PHE D 39 34.63 -26.97 27.64
N GLY D 40 34.49 -28.10 26.96
CA GLY D 40 34.66 -29.36 27.65
C GLY D 40 33.35 -29.57 28.42
N GLU D 41 33.45 -29.89 29.71
CA GLU D 41 32.26 -30.11 30.55
C GLU D 41 31.72 -28.77 31.07
N ARG D 42 32.54 -27.72 30.94
CA ARG D 42 32.15 -26.38 31.38
C ARG D 42 31.15 -25.70 30.46
N LEU D 43 30.03 -25.30 31.05
CA LEU D 43 28.96 -24.62 30.34
C LEU D 43 29.14 -23.11 30.54
N PHE D 44 29.73 -22.45 29.55
CA PHE D 44 29.99 -21.01 29.58
C PHE D 44 28.83 -20.24 28.96
N THR D 45 29.11 -18.98 28.62
CA THR D 45 28.14 -18.05 28.04
C THR D 45 28.84 -17.18 26.99
N ASP D 46 28.07 -16.71 26.00
CA ASP D 46 28.57 -15.82 24.95
C ASP D 46 27.61 -14.64 24.91
N TYR D 47 28.14 -13.44 24.75
CA TYR D 47 27.34 -12.21 24.71
C TYR D 47 27.42 -11.49 23.37
N TYR D 48 26.26 -11.17 22.79
CA TYR D 48 26.20 -10.48 21.50
C TYR D 48 25.34 -9.22 21.59
N VAL D 49 25.74 -8.17 20.88
CA VAL D 49 24.98 -6.93 20.89
C VAL D 49 24.19 -6.81 19.58
N ILE D 50 22.90 -6.55 19.71
CA ILE D 50 22.03 -6.40 18.54
C ILE D 50 21.22 -5.08 18.63
N TYR D 51 20.92 -4.49 17.48
CA TYR D 51 20.19 -3.24 17.47
C TYR D 51 19.21 -3.15 16.31
N ALA D 52 18.33 -2.15 16.38
CA ALA D 52 17.35 -1.91 15.35
C ALA D 52 17.10 -0.40 15.28
N ASN D 53 16.75 0.08 14.10
CA ASN D 53 16.50 1.51 13.91
C ASN D 53 15.05 1.70 13.49
N GLY D 54 14.66 2.95 13.28
CA GLY D 54 13.30 3.25 12.87
C GLY D 54 12.24 2.46 13.62
N GLN D 55 11.44 1.71 12.87
CA GLN D 55 10.36 0.91 13.42
C GLN D 55 10.84 -0.25 14.28
N LEU D 56 11.67 -1.09 13.68
CA LEU D 56 12.19 -2.27 14.34
C LEU D 56 12.71 -2.00 15.75
N ALA D 57 13.10 -0.75 16.02
CA ALA D 57 13.61 -0.39 17.33
C ALA D 57 12.52 -0.47 18.39
N TYR D 58 11.37 0.14 18.12
CA TYR D 58 10.24 0.13 19.05
C TYR D 58 9.65 -1.28 19.14
N GLU D 59 9.76 -2.05 18.05
CA GLU D 59 9.27 -3.43 18.01
C GLU D 59 10.20 -4.32 18.84
N LEU D 60 11.49 -4.04 18.71
CA LEU D 60 12.54 -4.76 19.42
C LEU D 60 12.31 -4.58 20.92
N GLU D 61 12.01 -3.34 21.31
CA GLU D 61 11.77 -2.99 22.71
C GLU D 61 10.55 -3.67 23.32
N LYS D 62 9.44 -3.66 22.57
CA LYS D 62 8.21 -4.30 23.04
C LYS D 62 8.40 -5.80 23.17
N HIS D 63 9.31 -6.35 22.38
CA HIS D 63 9.61 -7.78 22.43
C HIS D 63 10.32 -8.03 23.76
N THR D 64 11.20 -7.10 24.14
CA THR D 64 11.93 -7.20 25.39
C THR D 64 10.93 -7.07 26.54
N LYS D 65 10.01 -6.12 26.40
CA LYS D 65 8.95 -5.92 27.37
C LYS D 65 7.86 -6.92 27.05
N LYS D 66 8.19 -8.21 27.15
CA LYS D 66 7.23 -9.29 26.93
C LYS D 66 7.92 -10.62 26.72
N TYR D 67 9.13 -10.58 26.19
CA TYR D 67 9.87 -11.80 25.91
C TYR D 67 11.24 -11.82 26.59
N LYS D 68 11.71 -13.03 26.88
CA LYS D 68 13.00 -13.21 27.54
C LYS D 68 14.05 -13.68 26.54
N THR D 69 13.60 -14.36 25.50
CA THR D 69 14.47 -14.88 24.46
C THR D 69 14.00 -14.39 23.11
N ILE D 70 14.94 -13.88 22.32
CA ILE D 70 14.63 -13.36 21.01
C ILE D 70 15.44 -14.03 19.93
N SER D 71 14.78 -14.30 18.79
CA SER D 71 15.44 -14.89 17.64
C SER D 71 15.32 -13.80 16.60
N ILE D 72 16.41 -13.55 15.87
CA ILE D 72 16.37 -12.49 14.89
C ILE D 72 17.19 -12.83 13.68
N GLU D 73 17.17 -11.92 12.71
CA GLU D 73 17.97 -12.06 11.51
C GLU D 73 18.58 -10.69 11.38
N GLY D 74 19.86 -10.62 11.05
CA GLY D 74 20.48 -9.32 10.93
C GLY D 74 21.65 -9.27 9.97
N ILE D 75 22.35 -8.16 10.03
CA ILE D 75 23.52 -7.92 9.20
C ILE D 75 24.66 -7.58 10.16
N LEU D 76 25.71 -8.38 10.12
CA LEU D 76 26.86 -8.17 10.99
C LEU D 76 27.63 -6.90 10.61
N ARG D 77 27.76 -5.97 11.56
CA ARG D 77 28.49 -4.73 11.34
C ARG D 77 29.63 -4.68 12.35
N THR D 78 30.42 -3.61 12.31
CA THR D 78 31.55 -3.43 13.23
C THR D 78 31.94 -1.96 13.36
N TYR D 79 32.37 -1.56 14.55
CA TYR D 79 32.82 -0.18 14.77
C TYR D 79 34.18 -0.21 15.45
N LEU D 80 34.94 0.87 15.29
CA LEU D 80 36.27 0.96 15.88
C LEU D 80 36.28 1.61 17.26
N GLU D 81 37.36 1.37 18.00
CA GLU D 81 37.50 1.91 19.34
C GLU D 81 38.84 2.61 19.46
N ARG D 82 38.80 3.89 19.87
CA ARG D 82 39.99 4.71 20.05
C ARG D 82 41.15 4.06 20.81
N LYS D 83 40.88 3.65 22.04
CA LYS D 83 41.91 3.06 22.90
C LYS D 83 42.50 1.72 22.45
N SER D 84 41.78 0.63 22.67
CA SER D 84 42.26 -0.67 22.27
C SER D 84 42.40 -0.75 20.75
N GLU D 85 41.72 0.17 20.06
CA GLU D 85 41.76 0.24 18.61
C GLU D 85 41.20 -1.03 17.97
N ILE D 86 40.37 -1.75 18.74
CA ILE D 86 39.76 -2.98 18.26
C ILE D 86 38.41 -2.70 17.61
N TRP D 87 38.00 -3.56 16.69
CA TRP D 87 36.72 -3.39 16.02
C TRP D 87 35.67 -4.23 16.72
N LYS D 88 34.67 -3.60 17.32
CA LYS D 88 33.61 -4.34 18.00
C LYS D 88 32.53 -4.79 17.01
N THR D 89 31.79 -5.82 17.41
CA THR D 89 30.73 -6.39 16.59
C THR D 89 29.31 -6.15 17.11
N THR D 90 28.44 -5.80 16.19
CA THR D 90 27.04 -5.57 16.51
C THR D 90 26.25 -6.22 15.37
N ILE D 91 24.99 -6.51 15.61
CA ILE D 91 24.15 -7.11 14.58
C ILE D 91 22.97 -6.20 14.29
N GLU D 92 22.95 -5.61 13.11
CA GLU D 92 21.85 -4.74 12.70
C GLU D 92 20.63 -5.61 12.40
N ILE D 93 19.70 -5.67 13.35
CA ILE D 93 18.49 -6.48 13.21
C ILE D 93 17.63 -6.14 12.00
N VAL D 94 17.34 -7.17 11.21
CA VAL D 94 16.53 -7.04 10.01
C VAL D 94 15.12 -7.58 10.26
N LYS D 95 15.03 -8.74 10.92
CA LYS D 95 13.75 -9.37 11.25
C LYS D 95 13.80 -9.99 12.64
N ILE D 96 12.69 -9.90 13.37
CA ILE D 96 12.61 -10.50 14.70
C ILE D 96 11.57 -11.62 14.57
N PHE D 97 12.06 -12.86 14.50
CA PHE D 97 11.19 -14.02 14.36
C PHE D 97 10.27 -14.29 15.55
N ASN D 98 9.13 -14.91 15.25
CA ASN D 98 8.15 -15.28 16.26
C ASN D 98 8.85 -16.23 17.22
N PRO D 99 8.71 -16.02 18.54
CA PRO D 99 9.33 -16.86 19.56
C PRO D 99 8.69 -18.24 19.62
N LYS D 100 7.52 -18.35 18.99
CA LYS D 100 6.74 -19.57 18.92
C LYS D 100 7.14 -20.37 17.67
N ASN D 101 7.94 -19.75 16.82
CA ASN D 101 8.41 -20.36 15.57
C ASN D 101 9.89 -20.70 15.52
N GLU D 102 10.18 -21.86 14.94
CA GLU D 102 11.55 -22.33 14.77
C GLU D 102 11.91 -22.07 13.33
N ILE D 103 13.01 -21.35 13.12
CA ILE D 103 13.46 -21.01 11.79
C ILE D 103 14.17 -22.18 11.12
N VAL D 104 15.40 -22.44 11.55
CA VAL D 104 16.20 -23.53 11.01
C VAL D 104 15.93 -23.83 9.54
N ILE D 105 16.65 -23.17 8.64
CA ILE D 105 16.44 -23.43 7.22
C ILE D 105 17.73 -23.70 6.45
N ASP D 106 17.72 -23.45 5.14
CA ASP D 106 18.87 -23.75 4.29
C ASP D 106 19.43 -22.61 3.45
N TYR D 107 20.43 -22.97 2.64
CA TYR D 107 21.09 -22.05 1.73
C TYR D 107 21.25 -22.75 0.38
N LYS D 108 21.25 -21.96 -0.70
CA LYS D 108 21.39 -22.49 -2.05
C LYS D 108 22.42 -21.71 -2.84
N GLU D 109 23.40 -22.43 -3.38
CA GLU D 109 24.46 -21.79 -4.16
C GLU D 109 24.01 -21.34 -5.55
N ILE D 110 24.21 -22.19 -6.56
CA ILE D 110 23.82 -21.89 -7.94
C ILE D 110 24.99 -21.31 -8.75
N MET E 7 -8.55 24.36 12.98
CA MET E 7 -7.79 24.24 14.25
C MET E 7 -7.43 22.79 14.61
N LEU E 8 -7.34 22.52 15.91
CA LEU E 8 -6.98 21.19 16.41
C LEU E 8 -8.14 20.21 16.29
N ASN E 9 -7.86 19.07 15.68
CA ASN E 9 -8.84 18.02 15.49
C ASN E 9 -8.11 16.77 15.01
N ARG E 10 -7.89 15.83 15.92
CA ARG E 10 -7.21 14.56 15.61
C ARG E 10 -7.88 13.48 16.42
N VAL E 11 -8.21 12.37 15.76
CA VAL E 11 -8.82 11.26 16.45
C VAL E 11 -8.06 10.02 16.10
N PHE E 12 -7.84 9.17 17.10
CA PHE E 12 -7.16 7.91 16.90
C PHE E 12 -8.16 6.94 17.47
N LEU E 13 -8.76 6.15 16.58
CA LEU E 13 -9.79 5.20 17.00
C LEU E 13 -9.57 3.81 16.41
N GLU E 14 -9.88 2.83 17.25
CA GLU E 14 -9.78 1.42 16.92
C GLU E 14 -11.05 0.72 17.43
N GLY E 15 -11.65 -0.11 16.59
CA GLY E 15 -12.86 -0.81 16.99
C GLY E 15 -13.14 -2.07 16.18
N GLU E 16 -14.22 -2.76 16.54
CA GLU E 16 -14.61 -3.96 15.82
C GLU E 16 -15.62 -3.59 14.77
N ILE E 17 -15.44 -4.10 13.56
CA ILE E 17 -16.33 -3.81 12.45
C ILE E 17 -17.67 -4.50 12.61
N GLU E 18 -18.73 -3.69 12.66
CA GLU E 18 -20.11 -4.15 12.83
C GLU E 18 -20.84 -4.26 11.50
N SER E 19 -20.58 -3.29 10.63
CA SER E 19 -21.18 -3.25 9.30
C SER E 19 -20.54 -2.13 8.52
N SER E 20 -20.88 -2.03 7.23
CA SER E 20 -20.33 -0.99 6.38
C SER E 20 -21.04 -1.00 5.04
N CYS E 21 -21.18 0.17 4.44
CA CYS E 21 -21.84 0.28 3.15
C CYS E 21 -21.39 1.53 2.43
N TRP E 22 -21.85 1.71 1.20
CA TRP E 22 -21.48 2.89 0.43
C TRP E 22 -22.53 3.98 0.53
N SER E 23 -22.16 5.18 0.13
CA SER E 23 -23.05 6.32 0.12
C SER E 23 -24.09 6.05 -0.98
N VAL E 24 -24.95 7.03 -1.26
CA VAL E 24 -25.96 6.86 -2.31
C VAL E 24 -25.24 6.86 -3.64
N LYS E 25 -24.53 7.94 -3.88
CA LYS E 25 -23.77 8.12 -5.10
C LYS E 25 -22.59 7.16 -5.07
N LYS E 26 -22.46 6.44 -3.96
CA LYS E 26 -21.35 5.53 -3.78
C LYS E 26 -20.11 6.40 -3.80
N THR E 27 -20.27 7.63 -3.33
CA THR E 27 -19.17 8.59 -3.29
C THR E 27 -18.21 8.18 -2.19
N GLY E 28 -18.77 7.77 -1.05
CA GLY E 28 -17.94 7.37 0.06
C GLY E 28 -18.35 6.06 0.72
N PHE E 29 -17.42 5.47 1.44
CA PHE E 29 -17.68 4.22 2.14
C PHE E 29 -17.74 4.45 3.66
N LEU E 30 -18.93 4.23 4.22
CA LEU E 30 -19.13 4.38 5.67
C LEU E 30 -19.01 3.04 6.36
N VAL E 31 -18.28 3.03 7.47
CA VAL E 31 -18.11 1.81 8.24
C VAL E 31 -18.41 2.08 9.70
N THR E 32 -19.23 1.21 10.28
CA THR E 32 -19.58 1.32 11.68
C THR E 32 -18.72 0.36 12.49
N ILE E 33 -18.03 0.93 13.48
CA ILE E 33 -17.13 0.20 14.33
C ILE E 33 -17.65 0.21 15.77
N LYS E 34 -17.38 -0.84 16.52
CA LYS E 34 -17.87 -0.91 17.89
C LYS E 34 -16.80 -1.09 18.96
N GLN E 35 -16.96 -0.36 20.06
CA GLN E 35 -16.07 -0.46 21.20
C GLN E 35 -16.94 -0.85 22.37
N MET E 36 -16.60 -1.97 22.99
CA MET E 36 -17.38 -2.53 24.07
C MET E 36 -16.53 -2.78 25.32
N ARG E 37 -16.96 -2.27 26.46
CA ARG E 37 -16.14 -2.43 27.65
C ARG E 37 -16.89 -2.28 28.99
N PHE E 38 -16.33 -2.87 30.04
CA PHE E 38 -16.89 -2.78 31.39
C PHE E 38 -16.36 -1.52 32.04
N PHE E 39 -17.23 -0.76 32.70
CA PHE E 39 -16.79 0.46 33.32
C PHE E 39 -16.86 0.40 34.84
N GLY E 40 -18.05 0.19 35.37
CA GLY E 40 -18.16 0.04 36.81
C GLY E 40 -18.53 -1.41 36.97
N GLU E 41 -19.77 -1.62 37.40
CA GLU E 41 -20.30 -2.94 37.54
C GLU E 41 -20.88 -3.33 36.16
N ARG E 42 -20.98 -2.34 35.29
CA ARG E 42 -21.58 -2.58 33.99
C ARG E 42 -20.82 -2.31 32.71
N LEU E 43 -21.23 -3.05 31.68
CA LEU E 43 -20.65 -2.97 30.36
C LEU E 43 -21.31 -1.88 29.55
N PHE E 44 -20.48 -1.11 28.84
CA PHE E 44 -20.94 -0.04 27.99
C PHE E 44 -20.40 -0.38 26.61
N THR E 45 -21.23 -0.22 25.58
CA THR E 45 -20.77 -0.49 24.23
C THR E 45 -20.95 0.78 23.40
N ASP E 46 -19.92 1.17 22.67
CA ASP E 46 -19.97 2.37 21.87
C ASP E 46 -19.93 2.02 20.40
N TYR E 47 -20.70 2.77 19.63
CA TYR E 47 -20.78 2.58 18.18
C TYR E 47 -20.33 3.85 17.48
N TYR E 48 -19.39 3.71 16.54
CA TYR E 48 -18.86 4.86 15.82
C TYR E 48 -18.94 4.67 14.30
N VAL E 49 -19.30 5.73 13.58
CA VAL E 49 -19.35 5.69 12.10
C VAL E 49 -18.17 6.48 11.54
N ILE E 50 -17.21 5.77 10.96
CA ILE E 50 -16.03 6.40 10.35
C ILE E 50 -16.23 6.27 8.86
N TYR E 51 -15.56 7.10 8.07
CA TYR E 51 -15.71 7.00 6.63
C TYR E 51 -14.50 7.49 5.85
N ALA E 52 -14.49 7.16 4.56
CA ALA E 52 -13.42 7.58 3.67
C ALA E 52 -14.05 7.88 2.32
N ASN E 53 -13.46 8.82 1.59
CA ASN E 53 -13.95 9.18 0.27
C ASN E 53 -12.86 8.87 -0.75
N GLY E 54 -13.07 9.24 -2.01
CA GLY E 54 -12.06 8.98 -3.03
C GLY E 54 -11.48 7.57 -3.03
N GLN E 55 -10.25 7.45 -3.49
CA GLN E 55 -9.56 6.17 -3.56
C GLN E 55 -9.55 5.45 -2.21
N LEU E 56 -9.41 6.23 -1.14
CA LEU E 56 -9.39 5.70 0.23
C LEU E 56 -10.63 4.91 0.63
N ALA E 57 -11.75 5.16 -0.02
CA ALA E 57 -12.97 4.45 0.30
C ALA E 57 -12.91 2.99 -0.15
N TYR E 58 -11.96 2.71 -1.04
CA TYR E 58 -11.78 1.36 -1.57
C TYR E 58 -10.77 0.59 -0.73
N GLU E 59 -9.80 1.32 -0.17
CA GLU E 59 -8.81 0.72 0.72
C GLU E 59 -9.57 0.36 1.99
N LEU E 60 -10.52 1.20 2.35
CA LEU E 60 -11.37 1.03 3.54
C LEU E 60 -12.27 -0.19 3.38
N GLU E 61 -12.88 -0.31 2.21
CA GLU E 61 -13.77 -1.42 1.87
C GLU E 61 -13.06 -2.77 1.79
N LYS E 62 -11.78 -2.75 1.42
CA LYS E 62 -10.98 -3.98 1.31
C LYS E 62 -10.57 -4.44 2.70
N HIS E 63 -10.30 -3.49 3.58
CA HIS E 63 -9.91 -3.84 4.95
C HIS E 63 -11.13 -4.52 5.57
N THR E 64 -12.30 -4.06 5.15
CA THR E 64 -13.58 -4.57 5.59
C THR E 64 -13.74 -6.04 5.23
N LYS E 65 -13.23 -6.39 4.06
CA LYS E 65 -13.34 -7.76 3.57
C LYS E 65 -12.24 -8.62 4.17
N LYS E 66 -11.15 -7.99 4.57
CA LYS E 66 -10.03 -8.73 5.14
C LYS E 66 -10.05 -8.90 6.65
N TYR E 67 -10.13 -7.79 7.39
CA TYR E 67 -10.11 -7.87 8.85
C TYR E 67 -11.41 -7.63 9.60
N LYS E 68 -11.49 -8.20 10.81
CA LYS E 68 -12.64 -8.08 11.69
C LYS E 68 -12.58 -6.81 12.54
N THR E 69 -11.38 -6.23 12.65
CA THR E 69 -11.15 -5.00 13.42
C THR E 69 -10.38 -4.01 12.56
N ILE E 70 -10.55 -2.72 12.85
CA ILE E 70 -9.83 -1.67 12.11
C ILE E 70 -9.33 -0.59 13.07
N SER E 71 -8.20 0.02 12.71
CA SER E 71 -7.58 1.07 13.52
C SER E 71 -7.21 2.18 12.57
N ILE E 72 -7.79 3.36 12.77
CA ILE E 72 -7.54 4.47 11.86
C ILE E 72 -7.06 5.75 12.51
N GLU E 73 -6.92 6.77 11.68
CA GLU E 73 -6.55 8.12 12.11
C GLU E 73 -7.43 9.03 11.28
N GLY E 74 -7.90 10.12 11.88
CA GLY E 74 -8.76 11.03 11.15
C GLY E 74 -9.21 12.22 11.96
N ILE E 75 -10.24 12.90 11.45
CA ILE E 75 -10.80 14.10 12.08
C ILE E 75 -12.27 13.92 12.40
N LEU E 76 -12.71 14.57 13.48
CA LEU E 76 -14.09 14.52 13.91
C LEU E 76 -14.85 15.51 13.03
N ARG E 77 -16.03 15.10 12.55
CA ARG E 77 -16.89 15.94 11.70
C ARG E 77 -18.37 15.69 12.00
N THR E 78 -19.23 16.62 11.63
CA THR E 78 -20.66 16.43 11.79
C THR E 78 -21.26 16.86 10.45
N TYR E 79 -22.46 16.41 10.14
CA TYR E 79 -23.09 16.82 8.90
C TYR E 79 -24.59 16.71 9.10
N LEU E 80 -25.35 17.45 8.30
CA LEU E 80 -26.79 17.42 8.42
C LEU E 80 -27.44 16.46 7.43
N GLU E 81 -28.22 15.53 7.95
CA GLU E 81 -28.91 14.57 7.12
C GLU E 81 -30.17 15.27 6.60
N ARG E 82 -30.25 15.46 5.29
CA ARG E 82 -31.39 16.17 4.72
C ARG E 82 -32.78 15.62 5.01
N LYS E 83 -33.27 14.69 4.19
CA LYS E 83 -34.61 14.15 4.44
C LYS E 83 -34.51 13.29 5.68
N SER E 84 -33.77 13.76 6.67
CA SER E 84 -33.55 12.98 7.88
C SER E 84 -33.46 13.88 9.10
N GLU E 85 -33.32 15.18 8.81
CA GLU E 85 -33.32 16.29 9.77
C GLU E 85 -32.20 16.40 10.80
N ILE E 86 -31.48 15.31 11.02
CA ILE E 86 -30.48 15.25 12.08
C ILE E 86 -29.01 15.57 11.78
N TRP E 87 -28.34 16.21 12.74
CA TRP E 87 -26.92 16.55 12.65
C TRP E 87 -26.18 15.33 13.19
N LYS E 88 -25.56 14.54 12.31
CA LYS E 88 -24.86 13.33 12.73
C LYS E 88 -23.35 13.54 12.86
N THR E 89 -22.74 12.88 13.84
CA THR E 89 -21.29 13.01 14.05
C THR E 89 -20.61 11.76 13.52
N THR E 90 -19.44 11.96 12.91
CA THR E 90 -18.68 10.86 12.33
C THR E 90 -17.19 11.21 12.28
N ILE E 91 -16.36 10.25 11.85
CA ILE E 91 -14.94 10.49 11.71
C ILE E 91 -14.57 10.27 10.25
N GLU E 92 -13.90 11.26 9.67
CA GLU E 92 -13.45 11.17 8.29
C GLU E 92 -12.04 10.59 8.40
N ILE E 93 -11.79 9.47 7.73
CA ILE E 93 -10.47 8.84 7.84
C ILE E 93 -9.31 9.56 7.12
N VAL E 94 -8.16 9.55 7.77
CA VAL E 94 -6.95 10.17 7.26
C VAL E 94 -5.96 9.06 6.91
N LYS E 95 -5.83 8.09 7.81
CA LYS E 95 -4.94 6.96 7.60
C LYS E 95 -5.46 5.72 8.32
N ILE E 96 -5.42 4.59 7.62
CA ILE E 96 -5.83 3.32 8.20
C ILE E 96 -4.52 2.73 8.70
N PHE E 97 -4.56 2.00 9.79
CA PHE E 97 -3.34 1.42 10.31
C PHE E 97 -3.23 -0.07 10.02
N ASN E 98 -2.02 -0.60 10.14
CA ASN E 98 -1.77 -2.01 9.93
C ASN E 98 -2.24 -2.65 11.22
N PRO E 99 -3.23 -3.56 11.14
CA PRO E 99 -3.73 -4.22 12.35
C PRO E 99 -2.66 -4.88 13.20
N LYS E 100 -1.57 -5.32 12.56
CA LYS E 100 -0.48 -5.96 13.28
C LYS E 100 0.50 -4.93 13.87
N ASN E 101 0.10 -3.66 13.86
CA ASN E 101 0.95 -2.60 14.40
C ASN E 101 0.21 -1.78 15.44
N GLU E 102 0.93 -1.39 16.50
CA GLU E 102 0.36 -0.57 17.55
C GLU E 102 0.62 0.87 17.13
N ILE E 103 0.28 1.86 17.98
CA ILE E 103 0.47 3.26 17.61
C ILE E 103 1.33 4.10 18.56
N VAL E 104 0.68 4.71 19.54
CA VAL E 104 1.32 5.53 20.54
C VAL E 104 1.60 6.96 20.07
N MET F 7 19.37 -23.85 19.07
CA MET F 7 20.64 -23.07 19.23
C MET F 7 20.93 -22.29 17.96
N LEU F 8 20.03 -21.41 17.57
CA LEU F 8 20.20 -20.64 16.35
C LEU F 8 21.47 -19.80 16.34
N ASN F 9 22.30 -20.00 15.34
CA ASN F 9 23.53 -19.25 15.19
C ASN F 9 24.24 -19.56 13.88
N ARG F 10 24.00 -18.74 12.86
CA ARG F 10 24.63 -18.91 11.57
C ARG F 10 25.06 -17.58 10.98
N VAL F 11 26.21 -17.58 10.32
CA VAL F 11 26.72 -16.37 9.69
C VAL F 11 27.17 -16.69 8.28
N PHE F 12 26.52 -16.05 7.33
CA PHE F 12 26.86 -16.20 5.92
C PHE F 12 27.51 -14.89 5.60
N LEU F 13 28.80 -14.93 5.28
CA LEU F 13 29.55 -13.71 5.06
C LEU F 13 30.58 -13.81 3.94
N GLU F 14 30.70 -12.74 3.17
CA GLU F 14 31.65 -12.70 2.05
C GLU F 14 32.45 -11.40 2.03
N GLY F 15 33.76 -11.51 1.90
CA GLY F 15 34.57 -10.29 1.85
C GLY F 15 35.98 -10.46 1.34
N GLU F 16 36.63 -9.34 1.05
CA GLU F 16 37.99 -9.35 0.54
C GLU F 16 39.01 -9.55 1.66
N ILE F 17 39.87 -10.54 1.46
CA ILE F 17 40.90 -10.89 2.42
C ILE F 17 41.93 -9.76 2.62
N GLU F 18 42.05 -9.32 3.87
CA GLU F 18 42.98 -8.26 4.27
C GLU F 18 44.32 -8.87 4.65
N SER F 19 44.31 -9.76 5.64
CA SER F 19 45.50 -10.44 6.08
C SER F 19 45.10 -11.81 6.62
N SER F 20 46.09 -12.63 6.92
CA SER F 20 45.86 -13.96 7.43
C SER F 20 47.06 -14.35 8.27
N CYS F 21 46.91 -15.40 9.08
CA CYS F 21 48.01 -15.87 9.91
C CYS F 21 47.58 -17.03 10.80
N TRP F 22 48.56 -17.81 11.28
CA TRP F 22 48.27 -18.94 12.17
C TRP F 22 48.35 -18.50 13.62
N SER F 23 47.65 -19.25 14.48
CA SER F 23 47.62 -18.98 15.90
C SER F 23 48.99 -19.24 16.50
N VAL F 24 49.07 -19.12 17.84
CA VAL F 24 50.32 -19.33 18.56
C VAL F 24 51.01 -20.63 18.12
N LYS F 25 50.60 -21.76 18.66
CA LYS F 25 51.20 -23.05 18.29
C LYS F 25 50.73 -23.51 16.92
N LYS F 26 50.24 -22.56 16.11
CA LYS F 26 49.74 -22.84 14.77
C LYS F 26 48.38 -23.51 14.93
N THR F 27 47.77 -23.25 16.08
CA THR F 27 46.48 -23.81 16.46
C THR F 27 45.26 -23.09 15.86
N GLY F 28 45.27 -22.92 14.53
CA GLY F 28 44.16 -22.26 13.86
C GLY F 28 44.59 -21.16 12.92
N PHE F 29 43.90 -21.06 11.78
CA PHE F 29 44.22 -20.03 10.78
C PHE F 29 43.22 -18.87 10.82
N LEU F 30 43.71 -17.65 11.03
CA LEU F 30 42.87 -16.46 11.12
C LEU F 30 43.01 -15.53 9.92
N VAL F 31 41.94 -15.38 9.16
CA VAL F 31 41.93 -14.51 7.99
C VAL F 31 41.06 -13.28 8.22
N THR F 32 41.63 -12.10 7.99
CA THR F 32 40.88 -10.86 8.19
C THR F 32 40.27 -10.39 6.90
N ILE F 33 38.95 -10.27 6.93
CA ILE F 33 38.18 -9.87 5.78
C ILE F 33 37.73 -8.41 5.96
N LYS F 34 37.03 -7.86 4.98
CA LYS F 34 36.55 -6.49 5.04
C LYS F 34 35.44 -6.20 4.02
N GLN F 35 34.48 -5.38 4.41
CA GLN F 35 33.39 -5.02 3.51
C GLN F 35 33.29 -3.51 3.33
N MET F 36 33.36 -3.08 2.07
CA MET F 36 33.29 -1.69 1.69
C MET F 36 31.89 -1.36 1.21
N ARG F 37 31.20 -0.45 1.90
CA ARG F 37 29.85 -0.08 1.51
C ARG F 37 29.55 1.35 1.94
N PHE F 38 28.93 2.10 1.03
CA PHE F 38 28.56 3.48 1.27
C PHE F 38 27.18 3.64 1.89
N PHE F 39 27.12 4.00 3.16
CA PHE F 39 25.84 4.19 3.83
C PHE F 39 25.44 5.66 3.71
N GLY F 40 24.86 5.94 2.55
CA GLY F 40 24.46 7.28 2.16
C GLY F 40 25.51 7.71 1.16
N GLU F 41 26.42 8.56 1.62
CA GLU F 41 27.53 9.04 0.82
C GLU F 41 28.79 8.59 1.54
N ARG F 42 28.65 8.33 2.84
CA ARG F 42 29.76 7.83 3.65
C ARG F 42 30.25 6.56 3.01
N LEU F 43 31.43 6.11 3.41
CA LEU F 43 32.01 4.92 2.83
C LEU F 43 32.72 4.07 3.88
N PHE F 44 32.42 4.30 5.15
CA PHE F 44 33.09 3.53 6.21
C PHE F 44 32.93 2.02 6.00
N THR F 45 34.06 1.31 6.08
CA THR F 45 34.11 -0.13 5.88
C THR F 45 34.09 -0.96 7.18
N ASP F 46 33.90 -2.27 7.00
CA ASP F 46 33.85 -3.21 8.10
C ASP F 46 34.99 -4.21 8.02
N TYR F 47 35.51 -4.57 9.19
CA TYR F 47 36.60 -5.53 9.27
C TYR F 47 36.12 -6.73 10.06
N TYR F 48 36.26 -7.92 9.47
CA TYR F 48 35.83 -9.15 10.12
C TYR F 48 36.97 -10.15 10.20
N VAL F 49 37.04 -10.87 11.32
CA VAL F 49 38.08 -11.88 11.50
C VAL F 49 37.47 -13.28 11.53
N ILE F 50 37.79 -14.08 10.52
CA ILE F 50 37.28 -15.43 10.41
C ILE F 50 38.44 -16.38 10.69
N TYR F 51 38.13 -17.55 11.24
CA TYR F 51 39.19 -18.49 11.56
C TYR F 51 38.69 -19.93 11.44
N ALA F 52 39.65 -20.86 11.40
CA ALA F 52 39.35 -22.29 11.30
C ALA F 52 40.42 -23.12 12.02
N ASN F 53 40.02 -24.29 12.49
CA ASN F 53 40.93 -25.20 13.20
C ASN F 53 41.21 -26.49 12.43
N GLY F 54 42.34 -27.10 12.74
CA GLY F 54 42.77 -28.34 12.12
C GLY F 54 42.89 -28.37 10.60
N GLN F 55 42.22 -29.35 10.03
CA GLN F 55 42.17 -29.63 8.60
C GLN F 55 41.67 -28.43 7.81
N LEU F 56 40.60 -27.82 8.31
CA LEU F 56 39.96 -26.68 7.68
C LEU F 56 40.83 -25.42 7.66
N ALA F 57 41.70 -25.28 8.66
CA ALA F 57 42.60 -24.13 8.75
C ALA F 57 43.56 -24.11 7.57
N TYR F 58 44.00 -25.29 7.15
CA TYR F 58 44.92 -25.44 6.04
C TYR F 58 44.25 -25.09 4.70
N GLU F 59 42.97 -25.42 4.59
CA GLU F 59 42.22 -25.13 3.38
C GLU F 59 41.97 -23.64 3.24
N LEU F 60 41.76 -22.98 4.38
CA LEU F 60 41.50 -21.54 4.43
C LEU F 60 42.74 -20.80 3.92
N GLU F 61 43.89 -21.22 4.44
CA GLU F 61 45.18 -20.65 4.07
C GLU F 61 45.45 -20.61 2.57
N LYS F 62 45.06 -21.68 1.90
CA LYS F 62 45.23 -21.83 0.45
C LYS F 62 44.27 -20.96 -0.37
N HIS F 63 43.04 -20.80 0.11
CA HIS F 63 42.06 -19.96 -0.57
C HIS F 63 42.73 -18.59 -0.49
N THR F 64 43.37 -18.36 0.66
CA THR F 64 44.09 -17.13 0.99
C THR F 64 45.23 -16.84 0.02
N LYS F 65 45.82 -17.90 -0.54
CA LYS F 65 46.91 -17.77 -1.48
C LYS F 65 46.45 -17.94 -2.94
N LYS F 66 45.13 -18.04 -3.15
CA LYS F 66 44.57 -18.21 -4.50
C LYS F 66 43.59 -17.11 -4.91
N TYR F 67 42.73 -16.72 -3.98
CA TYR F 67 41.69 -15.72 -4.24
C TYR F 67 41.85 -14.46 -3.40
N LYS F 68 41.36 -13.33 -3.91
CA LYS F 68 41.42 -12.04 -3.20
C LYS F 68 40.21 -11.87 -2.27
N THR F 69 39.14 -12.61 -2.58
CA THR F 69 37.93 -12.56 -1.77
C THR F 69 37.51 -13.97 -1.36
N ILE F 70 36.68 -14.06 -0.35
CA ILE F 70 36.22 -15.33 0.17
C ILE F 70 34.79 -15.20 0.71
N SER F 71 34.02 -16.26 0.52
CA SER F 71 32.67 -16.28 1.04
C SER F 71 32.65 -17.49 1.97
N ILE F 72 32.06 -17.32 3.16
CA ILE F 72 31.97 -18.40 4.13
C ILE F 72 30.62 -18.47 4.83
N GLU F 73 30.50 -19.49 5.67
CA GLU F 73 29.34 -19.74 6.50
C GLU F 73 29.98 -20.19 7.82
N GLY F 74 29.58 -19.58 8.92
CA GLY F 74 30.19 -19.95 10.18
C GLY F 74 29.35 -19.67 11.41
N ILE F 75 30.04 -19.63 12.54
CA ILE F 75 29.41 -19.41 13.83
C ILE F 75 30.06 -18.22 14.53
N LEU F 76 29.23 -17.43 15.20
CA LEU F 76 29.69 -16.27 15.95
C LEU F 76 30.26 -16.80 17.26
N ARG F 77 31.46 -16.36 17.61
CA ARG F 77 32.10 -16.80 18.85
C ARG F 77 32.68 -15.61 19.56
N THR F 78 32.91 -15.77 20.85
CA THR F 78 33.55 -14.74 21.65
C THR F 78 34.50 -15.56 22.51
N TYR F 79 35.55 -14.90 23.01
CA TYR F 79 36.53 -15.57 23.86
C TYR F 79 37.09 -14.56 24.84
N LYS F 88 36.35 -10.39 22.75
CA LYS F 88 36.34 -10.14 21.30
C LYS F 88 35.48 -11.17 20.58
N THR F 89 34.98 -10.81 19.40
CA THR F 89 34.11 -11.69 18.61
C THR F 89 34.71 -12.09 17.28
N THR F 90 34.57 -13.36 16.94
CA THR F 90 35.07 -13.90 15.68
C THR F 90 34.07 -14.88 15.09
N ILE F 91 34.36 -15.36 13.90
CA ILE F 91 33.46 -16.30 13.23
C ILE F 91 34.23 -17.58 12.96
N GLU F 92 33.82 -18.67 13.59
CA GLU F 92 34.46 -19.95 13.37
C GLU F 92 33.85 -20.53 12.11
N ILE F 93 34.62 -20.55 11.02
CA ILE F 93 34.11 -21.07 9.76
C ILE F 93 33.62 -22.50 9.89
N VAL F 94 32.63 -22.84 9.09
CA VAL F 94 32.06 -24.18 9.08
C VAL F 94 32.22 -24.64 7.64
N LYS F 95 31.97 -23.74 6.69
CA LYS F 95 32.12 -24.07 5.28
C LYS F 95 32.70 -22.90 4.48
N ILE F 96 33.52 -23.23 3.48
CA ILE F 96 34.11 -22.25 2.57
C ILE F 96 33.42 -22.46 1.22
N PHE F 97 32.65 -21.47 0.77
CA PHE F 97 31.90 -21.58 -0.48
C PHE F 97 32.73 -21.44 -1.75
N ASN F 98 32.37 -22.23 -2.75
CA ASN F 98 33.08 -22.19 -4.02
C ASN F 98 33.00 -20.78 -4.57
N PRO F 99 34.15 -20.19 -4.90
CA PRO F 99 34.21 -18.83 -5.44
C PRO F 99 33.60 -18.64 -6.83
N LYS F 100 33.03 -19.72 -7.39
CA LYS F 100 32.39 -19.64 -8.72
C LYS F 100 30.89 -19.86 -8.61
N ASN F 101 30.45 -20.37 -7.46
CA ASN F 101 29.04 -20.61 -7.20
C ASN F 101 28.47 -19.42 -6.47
N GLU F 102 27.29 -18.97 -6.88
CA GLU F 102 26.63 -17.87 -6.20
C GLU F 102 25.96 -18.54 -5.00
N ILE F 103 25.48 -17.76 -4.05
CA ILE F 103 24.84 -18.30 -2.85
C ILE F 103 23.56 -17.52 -2.58
N VAL F 104 22.51 -18.20 -2.12
CA VAL F 104 21.25 -17.53 -1.83
C VAL F 104 20.51 -18.17 -0.68
N ILE F 105 20.95 -17.87 0.54
CA ILE F 105 20.36 -18.44 1.74
C ILE F 105 18.98 -17.86 2.02
N ASP F 106 18.03 -18.74 2.32
CA ASP F 106 16.68 -18.30 2.64
C ASP F 106 16.13 -19.19 3.75
N TYR F 107 14.92 -18.88 4.21
CA TYR F 107 14.29 -19.62 5.30
C TYR F 107 12.78 -19.82 5.19
N LYS F 108 12.23 -20.38 6.27
CA LYS F 108 10.81 -20.62 6.43
C LYS F 108 10.63 -20.75 7.94
N GLU F 109 9.75 -19.92 8.50
CA GLU F 109 9.52 -19.94 9.93
C GLU F 109 8.92 -21.26 10.42
N ILE F 110 8.34 -22.03 9.49
CA ILE F 110 7.77 -23.33 9.82
C ILE F 110 6.92 -23.30 11.09
#